data_5YOF
#
_entry.id   5YOF
#
_cell.length_a   42.919
_cell.length_b   42.919
_cell.length_c   215.615
_cell.angle_alpha   90.00
_cell.angle_beta   90.00
_cell.angle_gamma   90.00
#
_symmetry.space_group_name_H-M   'P 43 2 2'
#
loop_
_entity.id
_entity.type
_entity.pdbx_description
1 polymer 'NS2B cofactor'
2 polymer 'NS3 Protease'
3 non-polymer (S)-2-acetamido-6-amino-N-((S)-5-guanidino-1-oxopentan-2-yl)hexanamide
4 water water
#
loop_
_entity_poly.entity_id
_entity_poly.type
_entity_poly.pdbx_seq_one_letter_code
_entity_poly.pdbx_strand_id
1 'polypeptide(L)' MTGKSVDMYIERAGDITWEKDAEVTGNSPRLDVALDESGDFSLVEEDGPPMRE A
2 'polypeptide(L)'
;GSGALWDVPAPKEVKKGETTDGVYRVMTRRLLGSTQVGVGVMQEGVFHTMWHVTKGAALRSGEGRLDPYWGDVKQDLVSY
CGPWKLDAAWDGLSEVQLLAVPPGERAKNIQTLPGIFKTKDGDIGAVALDYPAGTSGSPILDKSGRVIGLYGNGVVIKNG
SYVSAITQGKREEETPVE
;
B
#
# COMPACT_ATOMS: atom_id res chain seq x y z
N ASP A 7 5.33 12.30 16.31
CA ASP A 7 6.25 12.39 15.17
C ASP A 7 6.64 10.98 14.68
N MET A 8 6.53 10.79 13.38
CA MET A 8 6.61 9.47 12.77
C MET A 8 8.00 9.19 12.23
N TYR A 9 8.39 7.92 12.28
CA TYR A 9 9.70 7.49 11.78
C TYR A 9 9.53 6.18 11.04
N ILE A 10 10.48 5.86 10.17
CA ILE A 10 10.40 4.63 9.38
C ILE A 10 11.54 3.69 9.77
N GLU A 11 11.28 2.39 9.63
CA GLU A 11 12.23 1.34 9.95
C GLU A 11 12.17 0.28 8.86
N ARG A 12 13.33 -0.11 8.33
CA ARG A 12 13.33 -1.04 7.22
C ARG A 12 12.80 -2.40 7.69
N ALA A 13 11.98 -3.05 6.84
CA ALA A 13 11.44 -4.36 7.16
C ALA A 13 11.82 -5.45 6.17
N GLY A 14 12.37 -5.11 5.02
CA GLY A 14 12.91 -6.14 4.15
C GLY A 14 13.03 -5.67 2.71
N ASP A 15 13.46 -6.61 1.88
CA ASP A 15 13.50 -6.43 0.44
C ASP A 15 12.13 -6.67 -0.16
N ILE A 16 11.93 -6.10 -1.35
CA ILE A 16 10.70 -6.29 -2.11
C ILE A 16 10.99 -7.33 -3.18
N THR A 17 10.52 -8.55 -2.96
CA THR A 17 10.80 -9.63 -3.90
C THR A 17 9.60 -10.56 -3.95
N TRP A 18 9.42 -11.19 -5.11
CA TRP A 18 8.43 -12.26 -5.26
C TRP A 18 8.92 -13.51 -4.55
N GLU A 19 8.02 -14.19 -3.82
CA GLU A 19 8.36 -15.44 -3.15
C GLU A 19 7.78 -16.61 -3.94
N LYS A 20 8.65 -17.54 -4.33
CA LYS A 20 8.26 -18.56 -5.31
C LYS A 20 7.16 -19.48 -4.80
N ASP A 21 7.19 -19.84 -3.51
CA ASP A 21 6.22 -20.81 -3.01
C ASP A 21 5.34 -20.20 -1.93
N ALA A 22 4.73 -19.05 -2.21
CA ALA A 22 3.99 -18.32 -1.21
C ALA A 22 2.62 -18.95 -0.94
N GLU A 23 2.12 -18.74 0.28
CA GLU A 23 0.75 -19.13 0.61
C GLU A 23 -0.21 -18.40 -0.29
N VAL A 24 -1.17 -19.13 -0.87
CA VAL A 24 -2.17 -18.55 -1.77
C VAL A 24 -3.49 -18.45 -1.01
N THR A 25 -4.13 -17.29 -1.08
CA THR A 25 -5.34 -17.01 -0.32
C THR A 25 -6.19 -16.03 -1.10
N GLY A 26 -7.45 -15.94 -0.70
CA GLY A 26 -8.31 -14.86 -1.18
C GLY A 26 -9.04 -15.22 -2.45
N ASN A 27 -10.21 -14.60 -2.62
CA ASN A 27 -11.01 -14.77 -3.81
C ASN A 27 -10.80 -13.55 -4.71
N SER A 28 -11.62 -13.42 -5.74
CA SER A 28 -11.43 -12.41 -6.78
C SER A 28 -12.75 -11.69 -7.05
N PRO A 29 -13.24 -10.92 -6.08
CA PRO A 29 -14.57 -10.34 -6.21
C PRO A 29 -14.60 -9.22 -7.24
N ARG A 30 -15.71 -9.13 -7.97
CA ARG A 30 -15.93 -8.05 -8.93
C ARG A 30 -17.05 -7.16 -8.41
N LEU A 31 -16.68 -5.96 -7.96
CA LEU A 31 -17.59 -5.06 -7.27
C LEU A 31 -17.68 -3.74 -8.01
N ASP A 32 -18.89 -3.19 -8.09
CA ASP A 32 -19.07 -1.83 -8.55
C ASP A 32 -18.87 -0.88 -7.36
N VAL A 33 -17.97 0.09 -7.52
CA VAL A 33 -17.61 0.97 -6.43
C VAL A 33 -17.63 2.41 -6.92
N ALA A 34 -17.73 3.31 -5.95
CA ALA A 34 -17.63 4.74 -6.18
C ALA A 34 -16.52 5.29 -5.31
N LEU A 35 -15.80 6.28 -5.82
CA LEU A 35 -14.70 6.91 -5.08
C LEU A 35 -15.05 8.37 -4.88
N ASP A 36 -15.13 8.81 -3.62
CA ASP A 36 -15.56 10.18 -3.40
C ASP A 36 -14.35 11.11 -3.26
N GLU A 37 -14.63 12.39 -3.04
CA GLU A 37 -13.56 13.38 -3.03
C GLU A 37 -12.60 13.19 -1.86
N SER A 38 -13.06 12.55 -0.79
CA SER A 38 -12.21 12.28 0.37
C SER A 38 -11.35 11.03 0.20
N GLY A 39 -11.40 10.39 -0.97
CA GLY A 39 -10.61 9.20 -1.20
C GLY A 39 -11.19 7.95 -0.58
N ASP A 40 -12.47 7.95 -0.26
CA ASP A 40 -13.10 6.77 0.32
C ASP A 40 -13.91 6.02 -0.73
N PHE A 41 -13.71 4.71 -0.80
CA PHE A 41 -14.51 3.87 -1.68
C PHE A 41 -15.82 3.50 -0.99
N SER A 42 -16.88 3.39 -1.78
CA SER A 42 -18.15 2.87 -1.30
C SER A 42 -18.69 1.90 -2.34
N LEU A 43 -19.54 0.98 -1.87
CA LEU A 43 -20.19 0.04 -2.76
C LEU A 43 -21.45 0.68 -3.30
N VAL A 44 -21.69 0.53 -4.60
CA VAL A 44 -22.90 1.03 -5.22
C VAL A 44 -23.80 -0.17 -5.52
N GLU A 45 -25.10 0.08 -5.54
CA GLU A 45 -26.08 -0.99 -5.77
C GLU A 45 -27.36 -0.45 -6.39
N GLY B 17 19.67 9.19 6.93
CA GLY B 17 19.23 7.88 7.38
C GLY B 17 19.25 6.83 6.30
N GLU B 18 18.74 5.63 6.62
CA GLU B 18 18.72 4.55 5.65
C GLU B 18 17.76 4.89 4.51
N THR B 19 18.25 4.77 3.28
CA THR B 19 17.44 5.00 2.08
C THR B 19 17.55 3.83 1.11
N THR B 20 18.04 2.69 1.57
CA THR B 20 18.09 1.51 0.73
C THR B 20 16.69 1.16 0.25
N ASP B 21 16.59 0.75 -1.01
CA ASP B 21 15.32 0.24 -1.51
C ASP B 21 14.78 -0.82 -0.56
N GLY B 22 13.46 -0.85 -0.40
CA GLY B 22 12.84 -1.90 0.36
C GLY B 22 11.51 -1.45 0.92
N VAL B 23 10.95 -2.30 1.73
CA VAL B 23 9.70 -2.03 2.41
C VAL B 23 10.04 -1.63 3.84
N TYR B 24 9.31 -0.62 4.36
CA TYR B 24 9.57 0.00 5.65
C TYR B 24 8.30 0.10 6.46
N ARG B 25 8.43 -0.05 7.78
CA ARG B 25 7.33 0.24 8.69
C ARG B 25 7.31 1.74 8.97
N VAL B 26 6.10 2.29 9.09
CA VAL B 26 5.88 3.67 9.53
C VAL B 26 5.43 3.61 10.98
N MET B 27 6.24 4.17 11.89
CA MET B 27 6.09 4.04 13.33
C MET B 27 5.84 5.38 13.97
N THR B 28 5.26 5.35 15.17
CA THR B 28 5.17 6.57 15.97
C THR B 28 5.28 6.21 17.45
N ARG B 29 5.81 7.14 18.23
CA ARG B 29 5.82 7.03 19.68
C ARG B 29 4.83 7.97 20.33
N ARG B 30 3.93 8.58 19.54
CA ARG B 30 2.96 9.51 20.12
C ARG B 30 1.99 8.80 21.05
N LEU B 31 1.69 7.54 20.79
CA LEU B 31 0.76 6.78 21.60
C LEU B 31 1.56 5.92 22.59
N LEU B 32 0.89 4.92 23.18
CA LEU B 32 1.57 4.08 24.16
C LEU B 32 2.57 3.17 23.46
N GLY B 33 3.79 3.11 23.99
CA GLY B 33 4.85 2.37 23.35
C GLY B 33 5.14 2.92 21.97
N SER B 34 5.70 2.07 21.11
CA SER B 34 5.85 2.39 19.70
C SER B 34 4.75 1.67 18.93
N THR B 35 4.07 2.40 18.05
CA THR B 35 2.92 1.91 17.33
C THR B 35 3.22 1.95 15.84
N GLN B 36 2.94 0.85 15.14
CA GLN B 36 3.07 0.84 13.69
C GLN B 36 1.78 1.38 13.07
N VAL B 37 1.88 2.53 12.41
CA VAL B 37 0.70 3.15 11.79
C VAL B 37 0.56 2.76 10.32
N GLY B 38 1.63 2.27 9.70
CA GLY B 38 1.52 1.85 8.32
C GLY B 38 2.83 1.33 7.79
N VAL B 39 2.93 1.32 6.47
CA VAL B 39 4.03 0.69 5.73
C VAL B 39 4.27 1.55 4.50
N GLY B 40 5.49 1.50 3.97
CA GLY B 40 5.73 2.14 2.69
C GLY B 40 6.90 1.52 1.95
N VAL B 41 7.15 2.05 0.76
CA VAL B 41 8.11 1.51 -0.19
C VAL B 41 9.15 2.58 -0.48
N MET B 42 10.43 2.22 -0.32
CA MET B 42 11.53 3.07 -0.72
C MET B 42 12.02 2.58 -2.07
N GLN B 43 11.99 3.45 -3.08
CA GLN B 43 12.49 3.11 -4.39
C GLN B 43 13.07 4.36 -5.02
N GLU B 44 14.30 4.24 -5.52
CA GLU B 44 14.98 5.35 -6.22
C GLU B 44 15.03 6.60 -5.35
N GLY B 45 15.26 6.40 -4.06
CA GLY B 45 15.44 7.49 -3.13
C GLY B 45 14.16 8.19 -2.73
N VAL B 46 13.01 7.64 -3.09
CA VAL B 46 11.70 8.23 -2.81
C VAL B 46 10.92 7.26 -1.92
N PHE B 47 10.30 7.79 -0.87
CA PHE B 47 9.46 6.98 -0.01
C PHE B 47 8.00 7.13 -0.41
N HIS B 48 7.31 6.02 -0.59
CA HIS B 48 5.96 5.96 -1.10
C HIS B 48 5.05 5.33 -0.05
N THR B 49 3.96 6.00 0.31
CA THR B 49 2.99 5.36 1.19
C THR B 49 1.59 5.89 0.85
N MET B 50 0.59 5.47 1.63
CA MET B 50 -0.75 5.96 1.43
C MET B 50 -0.95 7.24 2.25
N TRP B 51 -1.65 8.22 1.64
N TRP B 51 -1.67 8.21 1.67
CA TRP B 51 -1.85 9.49 2.31
CA TRP B 51 -1.79 9.49 2.33
C TRP B 51 -2.37 9.32 3.72
C TRP B 51 -2.41 9.36 3.72
N HIS B 52 -3.37 8.45 3.90
CA HIS B 52 -4.03 8.35 5.20
C HIS B 52 -3.12 7.78 6.29
N VAL B 53 -1.99 7.17 5.92
CA VAL B 53 -1.02 6.71 6.92
C VAL B 53 -0.33 7.89 7.61
N THR B 54 0.12 8.87 6.82
CA THR B 54 0.90 9.98 7.37
C THR B 54 0.14 11.31 7.39
N LYS B 55 -0.98 11.41 6.67
CA LYS B 55 -1.68 12.67 6.47
C LYS B 55 -0.75 13.74 5.91
N GLY B 56 0.28 13.31 5.20
CA GLY B 56 1.23 14.20 4.56
C GLY B 56 2.26 14.83 5.46
N ALA B 57 2.41 14.34 6.68
CA ALA B 57 3.37 14.90 7.62
C ALA B 57 4.79 14.44 7.31
N ALA B 58 5.76 15.26 7.70
CA ALA B 58 7.17 14.91 7.55
C ALA B 58 7.49 13.65 8.36
N LEU B 59 8.50 12.92 7.91
CA LEU B 59 8.91 11.67 8.53
C LEU B 59 10.38 11.75 8.95
N ARG B 60 10.75 10.91 9.91
CA ARG B 60 12.14 10.76 10.30
C ARG B 60 12.68 9.43 9.79
N SER B 61 13.92 9.45 9.31
CA SER B 61 14.62 8.23 8.90
C SER B 61 15.98 8.25 9.58
N GLY B 62 16.10 7.48 10.64
CA GLY B 62 17.33 7.51 11.42
C GLY B 62 17.55 8.91 11.98
N GLU B 63 18.67 9.52 11.63
CA GLU B 63 18.95 10.90 12.02
C GLU B 63 18.46 11.91 10.99
N GLY B 64 18.05 11.46 9.81
CA GLY B 64 17.58 12.37 8.77
C GLY B 64 16.08 12.59 8.79
N ARG B 65 15.64 13.48 7.92
CA ARG B 65 14.25 13.89 7.84
C ARG B 65 13.79 13.75 6.40
N LEU B 66 12.61 13.16 6.19
CA LEU B 66 12.01 13.01 4.87
C LEU B 66 10.87 14.02 4.75
N ASP B 67 10.95 14.87 3.76
CA ASP B 67 9.88 15.85 3.63
C ASP B 67 8.90 15.43 2.54
N PRO B 68 7.61 15.70 2.70
CA PRO B 68 6.67 15.33 1.64
C PRO B 68 6.98 16.11 0.37
N TYR B 69 6.73 15.46 -0.75
CA TYR B 69 7.01 16.01 -2.07
C TYR B 69 5.77 16.10 -2.94
N TRP B 70 4.93 15.09 -2.93
CA TRP B 70 3.72 15.06 -3.75
C TRP B 70 2.68 14.26 -2.98
N GLY B 71 1.42 14.64 -3.09
CA GLY B 71 0.39 13.80 -2.50
C GLY B 71 -0.98 14.21 -3.00
N ASP B 72 -1.94 13.31 -2.80
CA ASP B 72 -3.30 13.55 -3.26
C ASP B 72 -4.24 12.72 -2.41
N VAL B 73 -5.13 13.38 -1.69
CA VAL B 73 -6.06 12.70 -0.79
C VAL B 73 -6.99 11.76 -1.57
N LYS B 74 -7.43 12.16 -2.77
CA LYS B 74 -8.42 11.32 -3.46
C LYS B 74 -7.79 10.02 -3.93
N GLN B 75 -6.57 10.09 -4.46
CA GLN B 75 -5.81 8.88 -4.81
C GLN B 75 -5.33 8.14 -3.55
N ASP B 76 -5.28 8.84 -2.44
CA ASP B 76 -4.80 8.37 -1.13
C ASP B 76 -3.34 7.92 -1.20
N LEU B 77 -2.50 8.74 -1.84
CA LEU B 77 -1.08 8.46 -2.01
C LEU B 77 -0.24 9.67 -1.65
N VAL B 78 1.00 9.41 -1.26
CA VAL B 78 1.97 10.47 -0.92
C VAL B 78 3.37 9.95 -1.20
N SER B 79 4.24 10.81 -1.69
CA SER B 79 5.65 10.51 -1.84
C SER B 79 6.49 11.54 -1.10
N TYR B 80 7.66 11.09 -0.67
CA TYR B 80 8.63 11.87 0.09
C TYR B 80 9.96 11.89 -0.66
N CYS B 81 10.61 13.05 -0.68
CA CYS B 81 11.95 13.26 -1.21
C CYS B 81 11.99 13.32 -2.73
N GLY B 82 10.89 13.06 -3.41
CA GLY B 82 10.89 13.16 -4.85
C GLY B 82 9.53 12.71 -5.36
N PRO B 83 9.35 12.73 -6.68
CA PRO B 83 8.05 12.38 -7.25
C PRO B 83 7.82 10.88 -7.16
N TRP B 84 6.54 10.53 -7.30
CA TRP B 84 6.14 9.13 -7.33
C TRP B 84 6.89 8.36 -8.42
N LYS B 85 7.48 7.21 -8.04
CA LYS B 85 8.38 6.47 -8.93
C LYS B 85 7.79 5.15 -9.41
N LEU B 86 6.71 4.68 -8.80
CA LEU B 86 6.23 3.32 -9.06
C LEU B 86 5.24 3.37 -10.21
N ASP B 87 5.54 2.66 -11.30
CA ASP B 87 4.72 2.76 -12.50
C ASP B 87 4.24 1.42 -13.03
N ALA B 88 4.59 0.30 -12.41
CA ALA B 88 4.12 -0.98 -12.89
C ALA B 88 2.62 -1.09 -12.64
N ALA B 89 1.96 -1.88 -13.49
CA ALA B 89 0.52 -2.05 -13.42
C ALA B 89 0.15 -3.53 -13.50
N TRP B 90 -0.91 -3.89 -12.79
CA TRP B 90 -1.42 -5.25 -12.86
C TRP B 90 -1.81 -5.57 -14.30
N ASP B 91 -1.42 -6.75 -14.77
CA ASP B 91 -1.74 -7.14 -16.14
C ASP B 91 -3.19 -7.58 -16.31
N GLY B 92 -3.97 -7.58 -15.23
CA GLY B 92 -5.37 -7.95 -15.32
C GLY B 92 -5.62 -9.44 -15.46
N LEU B 93 -4.58 -10.27 -15.35
CA LEU B 93 -4.68 -11.69 -15.66
C LEU B 93 -3.97 -12.57 -14.64
N SER B 94 -2.83 -12.12 -14.14
CA SER B 94 -1.93 -12.96 -13.35
C SER B 94 -2.16 -12.75 -11.86
N GLU B 95 -1.81 -13.78 -11.08
CA GLU B 95 -1.79 -13.63 -9.64
C GLU B 95 -0.70 -12.65 -9.24
N VAL B 96 -0.88 -12.01 -8.09
CA VAL B 96 0.04 -11.03 -7.55
C VAL B 96 0.40 -11.47 -6.14
N GLN B 97 1.31 -10.73 -5.51
CA GLN B 97 1.65 -10.97 -4.11
C GLN B 97 1.56 -9.69 -3.31
N LEU B 98 0.88 -9.77 -2.18
CA LEU B 98 0.93 -8.74 -1.16
C LEU B 98 2.13 -9.03 -0.27
N LEU B 99 3.06 -8.08 -0.21
CA LEU B 99 4.15 -8.16 0.76
C LEU B 99 3.66 -7.45 2.01
N ALA B 100 2.91 -8.19 2.82
CA ALA B 100 2.30 -7.65 4.02
C ALA B 100 3.35 -7.51 5.13
N VAL B 101 3.35 -6.36 5.80
CA VAL B 101 4.25 -6.12 6.91
C VAL B 101 3.39 -5.82 8.14
N PRO B 102 2.90 -6.84 8.85
CA PRO B 102 1.99 -6.59 9.97
C PRO B 102 2.76 -6.07 11.18
N PRO B 103 2.11 -5.27 12.03
CA PRO B 103 2.78 -4.78 13.24
C PRO B 103 3.36 -5.91 14.07
N GLY B 104 4.61 -5.73 14.49
CA GLY B 104 5.28 -6.69 15.35
C GLY B 104 5.62 -8.02 14.73
N GLU B 105 5.42 -8.17 13.42
CA GLU B 105 5.61 -9.44 12.73
C GLU B 105 6.47 -9.26 11.50
N ARG B 106 7.11 -10.34 11.08
CA ARG B 106 8.02 -10.29 9.94
C ARG B 106 7.23 -10.13 8.63
N ALA B 107 7.88 -9.48 7.65
CA ALA B 107 7.28 -9.33 6.34
C ALA B 107 6.97 -10.71 5.74
N LYS B 108 5.82 -10.81 5.06
CA LYS B 108 5.39 -12.09 4.51
C LYS B 108 4.68 -11.85 3.18
N ASN B 109 4.88 -12.76 2.23
CA ASN B 109 4.25 -12.69 0.92
C ASN B 109 2.99 -13.55 0.89
N ILE B 110 1.89 -12.96 0.42
CA ILE B 110 0.62 -13.65 0.24
C ILE B 110 0.23 -13.54 -1.23
N GLN B 111 0.06 -14.68 -1.89
CA GLN B 111 -0.29 -14.69 -3.30
C GLN B 111 -1.81 -14.77 -3.49
N THR B 112 -2.30 -14.11 -4.54
CA THR B 112 -3.74 -14.03 -4.76
C THR B 112 -4.00 -13.61 -6.20
N LEU B 113 -5.20 -13.97 -6.70
CA LEU B 113 -5.67 -13.46 -7.99
C LEU B 113 -6.59 -12.28 -7.74
N PRO B 114 -6.22 -11.04 -8.14
CA PRO B 114 -7.05 -9.89 -7.81
C PRO B 114 -8.44 -10.00 -8.43
N GLY B 115 -9.41 -9.40 -7.74
CA GLY B 115 -10.69 -9.06 -8.34
C GLY B 115 -10.59 -7.68 -8.98
N ILE B 116 -11.75 -7.07 -9.21
CA ILE B 116 -11.80 -5.80 -9.93
C ILE B 116 -12.78 -4.86 -9.24
N PHE B 117 -12.34 -3.63 -8.97
CA PHE B 117 -13.23 -2.53 -8.65
C PHE B 117 -13.69 -1.90 -9.96
N LYS B 118 -15.00 -1.86 -10.18
CA LYS B 118 -15.58 -1.24 -11.37
C LYS B 118 -16.09 0.15 -10.99
N THR B 119 -15.48 1.19 -11.58
CA THR B 119 -15.87 2.56 -11.31
C THR B 119 -16.31 3.26 -12.59
N LYS B 120 -16.91 4.45 -12.41
CA LYS B 120 -17.31 5.27 -13.56
C LYS B 120 -16.12 5.68 -14.41
N ASP B 121 -14.93 5.73 -13.81
CA ASP B 121 -13.72 6.18 -14.49
C ASP B 121 -12.77 5.03 -14.80
N GLY B 122 -13.28 3.81 -14.92
CA GLY B 122 -12.49 2.67 -15.29
C GLY B 122 -12.43 1.61 -14.19
N ASP B 123 -11.73 0.54 -14.51
CA ASP B 123 -11.59 -0.59 -13.60
C ASP B 123 -10.25 -0.53 -12.88
N ILE B 124 -10.23 -1.07 -11.67
CA ILE B 124 -9.05 -1.13 -10.82
C ILE B 124 -8.94 -2.53 -10.26
N GLY B 125 -7.73 -3.09 -10.24
CA GLY B 125 -7.53 -4.35 -9.55
C GLY B 125 -7.75 -4.19 -8.06
N ALA B 126 -8.17 -5.29 -7.42
CA ALA B 126 -8.48 -5.27 -5.99
C ALA B 126 -8.10 -6.61 -5.41
N VAL B 127 -7.58 -6.60 -4.18
CA VAL B 127 -7.17 -7.84 -3.53
C VAL B 127 -8.06 -8.08 -2.30
N ALA B 128 -8.59 -9.30 -2.22
CA ALA B 128 -9.45 -9.74 -1.11
C ALA B 128 -8.58 -10.39 -0.04
N LEU B 129 -7.79 -9.54 0.61
CA LEU B 129 -6.93 -9.92 1.71
C LEU B 129 -7.15 -8.95 2.86
N ASP B 130 -7.20 -9.49 4.08
CA ASP B 130 -7.65 -8.74 5.25
C ASP B 130 -6.52 -8.70 6.28
N TYR B 131 -5.88 -7.55 6.41
CA TYR B 131 -4.79 -7.33 7.35
C TYR B 131 -5.07 -6.10 8.18
N PRO B 132 -4.51 -6.01 9.38
CA PRO B 132 -4.89 -4.94 10.31
C PRO B 132 -4.50 -3.57 9.79
N ALA B 133 -4.96 -2.55 10.52
CA ALA B 133 -4.79 -1.16 10.09
C ALA B 133 -3.33 -0.81 9.86
N GLY B 134 -2.42 -1.35 10.68
CA GLY B 134 -1.02 -0.99 10.56
C GLY B 134 -0.34 -1.49 9.29
N THR B 135 -1.03 -2.26 8.47
CA THR B 135 -0.42 -2.78 7.24
C THR B 135 -0.72 -1.93 6.02
N SER B 136 -1.50 -0.86 6.16
CA SER B 136 -1.76 -0.01 5.01
C SER B 136 -0.45 0.57 4.48
N GLY B 137 -0.31 0.57 3.15
CA GLY B 137 0.91 0.96 2.50
C GLY B 137 1.78 -0.22 2.08
N SER B 138 1.41 -1.42 2.49
CA SER B 138 2.21 -2.57 2.08
C SER B 138 2.14 -2.75 0.57
N PRO B 139 3.25 -3.11 -0.09
CA PRO B 139 3.24 -3.17 -1.55
C PRO B 139 2.61 -4.44 -2.09
N ILE B 140 2.00 -4.29 -3.25
CA ILE B 140 1.49 -5.39 -4.05
C ILE B 140 2.42 -5.54 -5.26
N LEU B 141 2.86 -6.77 -5.52
CA LEU B 141 3.92 -7.05 -6.48
C LEU B 141 3.44 -7.89 -7.64
N ASP B 142 4.04 -7.68 -8.82
CA ASP B 142 3.89 -8.65 -9.90
C ASP B 142 5.03 -9.67 -9.86
N LYS B 143 4.98 -10.65 -10.79
CA LYS B 143 5.93 -11.75 -10.77
C LYS B 143 7.38 -11.31 -11.00
N SER B 144 7.59 -10.13 -11.59
CA SER B 144 8.94 -9.59 -11.74
C SER B 144 9.43 -8.86 -10.49
N GLY B 145 8.61 -8.78 -9.45
CA GLY B 145 8.97 -8.05 -8.24
C GLY B 145 8.70 -6.57 -8.28
N ARG B 146 8.10 -6.06 -9.34
CA ARG B 146 7.79 -4.64 -9.41
C ARG B 146 6.54 -4.33 -8.61
N VAL B 147 6.51 -3.14 -8.01
CA VAL B 147 5.37 -2.76 -7.19
C VAL B 147 4.28 -2.22 -8.12
N ILE B 148 3.12 -2.88 -8.12
CA ILE B 148 2.01 -2.49 -8.97
C ILE B 148 0.98 -1.66 -8.23
N GLY B 149 1.16 -1.48 -6.93
CA GLY B 149 0.29 -0.61 -6.15
C GLY B 149 0.51 -0.87 -4.67
N LEU B 150 -0.18 -0.08 -3.86
CA LEU B 150 -0.12 -0.20 -2.41
C LEU B 150 -1.47 -0.65 -1.86
N TYR B 151 -1.39 -1.43 -0.78
CA TYR B 151 -2.55 -2.01 -0.13
C TYR B 151 -3.06 -1.09 0.97
N GLY B 152 -4.40 -0.97 1.06
CA GLY B 152 -4.98 -0.35 2.24
C GLY B 152 -6.03 0.73 2.05
N ASN B 153 -6.49 0.96 0.82
CA ASN B 153 -7.67 1.78 0.56
C ASN B 153 -8.68 0.93 -0.19
N GLY B 154 -9.82 0.67 0.44
CA GLY B 154 -10.77 -0.25 -0.15
C GLY B 154 -12.14 -0.20 0.49
N VAL B 155 -12.78 -1.37 0.63
CA VAL B 155 -14.15 -1.46 1.12
C VAL B 155 -14.26 -2.64 2.08
N VAL B 156 -15.15 -2.51 3.06
CA VAL B 156 -15.63 -3.65 3.83
C VAL B 156 -16.90 -4.15 3.13
N ILE B 157 -16.94 -5.45 2.84
CA ILE B 157 -18.09 -6.03 2.18
C ILE B 157 -18.94 -6.75 3.22
N LYS B 158 -20.12 -7.21 2.80
CA LYS B 158 -21.13 -7.70 3.74
C LYS B 158 -20.59 -8.78 4.66
N ASN B 159 -19.80 -9.70 4.12
CA ASN B 159 -19.32 -10.88 4.85
C ASN B 159 -18.31 -10.48 5.92
N GLY B 160 -18.25 -9.19 6.24
CA GLY B 160 -17.29 -8.66 7.20
C GLY B 160 -15.90 -8.46 6.66
N SER B 161 -15.58 -9.04 5.50
CA SER B 161 -14.21 -9.07 5.04
C SER B 161 -13.82 -7.73 4.43
N TYR B 162 -12.54 -7.62 4.12
CA TYR B 162 -11.97 -6.40 3.57
C TYR B 162 -11.47 -6.68 2.17
N VAL B 163 -11.71 -5.73 1.26
CA VAL B 163 -11.19 -5.80 -0.10
C VAL B 163 -10.49 -4.49 -0.40
N SER B 164 -9.21 -4.57 -0.76
CA SER B 164 -8.37 -3.40 -0.98
C SER B 164 -8.21 -3.14 -2.46
N ALA B 165 -8.30 -1.88 -2.88
CA ALA B 165 -7.87 -1.55 -4.22
C ALA B 165 -6.36 -1.79 -4.35
N ILE B 166 -5.92 -2.05 -5.58
CA ILE B 166 -4.50 -1.98 -5.91
C ILE B 166 -4.25 -0.53 -6.32
N THR B 167 -3.81 0.31 -5.38
CA THR B 167 -3.73 1.74 -5.63
C THR B 167 -2.35 2.08 -6.17
N GLN B 168 -2.30 2.59 -7.39
CA GLN B 168 -1.04 2.97 -8.03
C GLN B 168 -1.05 4.44 -8.42
N GLY B 169 0.10 5.09 -8.29
CA GLY B 169 0.24 6.47 -8.70
C GLY B 169 0.63 6.59 -10.16
N LYS B 170 1.03 7.81 -10.53
CA LYS B 170 1.52 8.13 -11.87
C LYS B 170 2.97 8.60 -11.76
N ARG B 171 3.85 8.02 -12.57
CA ARG B 171 5.24 8.46 -12.63
C ARG B 171 5.36 9.50 -13.74
N GLU B 172 5.60 10.75 -13.36
CA GLU B 172 5.73 11.84 -14.33
C GLU B 172 7.08 11.78 -15.03
#